data_7EJQ
#
_entry.id   7EJQ
#
_cell.length_a   42.027
_cell.length_b   85.359
_cell.length_c   63.487
_cell.angle_alpha   90.00
_cell.angle_beta   90.00
_cell.angle_gamma   90.00
#
_symmetry.space_group_name_H-M   'P 21 21 2'
#
loop_
_entity.id
_entity.type
_entity.pdbx_description
1 polymer Transthyretin
2 non-polymer 'CALCIUM ION'
3 non-polymer '8-chloranyl-9-oxidanylidene-xanthene-3-carboxylic acid'
4 water water
#
_entity_poly.entity_id   1
_entity_poly.type   'polypeptide(L)'
_entity_poly.pdbx_seq_one_letter_code
;MRGSHHHHHHGSMASHRLLLLCLAGLVFVSEAGPTGTGESKCPLMVKVLDAVRGSPAINVAVHVFRKAADDTWEPFASGK
TSESGELHGLTTEEEFVEGIYKVEIDTKSYWKALGISPFHEHAEVVFTANDSGPRRYTIAALLSPYSYSTTAVVTNPK
;
_entity_poly.pdbx_strand_id   A,B
#
loop_
_chem_comp.id
_chem_comp.type
_chem_comp.name
_chem_comp.formula
CA non-polymer 'CALCIUM ION' 'Ca 2'
J5R non-polymer '8-chloranyl-9-oxidanylidene-xanthene-3-carboxylic acid' 'C14 H7 Cl O4'
#
# COMPACT_ATOMS: atom_id res chain seq x y z
N CYS A 42 -5.93 20.74 -10.99
CA CYS A 42 -6.36 19.55 -10.25
C CYS A 42 -5.51 19.36 -8.99
N PRO A 43 -6.16 19.07 -7.87
CA PRO A 43 -5.44 18.96 -6.60
C PRO A 43 -4.97 17.55 -6.26
N LEU A 44 -5.19 16.57 -7.13
CA LEU A 44 -4.73 15.21 -6.88
C LEU A 44 -4.19 14.65 -8.19
N MET A 45 -2.90 14.32 -8.22
CA MET A 45 -2.25 13.75 -9.40
C MET A 45 -1.55 12.47 -8.95
N VAL A 46 -1.51 11.49 -9.84
CA VAL A 46 -0.84 10.22 -9.56
C VAL A 46 0.20 9.99 -10.65
N LYS A 47 1.39 9.57 -10.25
CA LYS A 47 2.49 9.29 -11.16
C LYS A 47 3.05 7.91 -10.83
N VAL A 48 3.28 7.10 -11.86
CA VAL A 48 3.74 5.73 -11.64
C VAL A 48 4.92 5.46 -12.57
N LEU A 49 5.97 4.86 -12.01
CA LEU A 49 7.18 4.50 -12.72
C LEU A 49 7.43 3.01 -12.59
N ASP A 50 8.14 2.47 -13.58
CA ASP A 50 8.48 1.06 -13.67
C ASP A 50 9.99 0.90 -13.44
N ALA A 51 10.36 0.24 -12.34
CA ALA A 51 11.74 0.07 -11.92
C ALA A 51 12.47 -1.05 -12.63
N VAL A 52 11.77 -1.86 -13.43
CA VAL A 52 12.39 -2.88 -14.24
C VAL A 52 12.88 -2.29 -15.55
N ARG A 53 12.03 -1.51 -16.19
CA ARG A 53 12.33 -0.93 -17.48
C ARG A 53 12.99 0.44 -17.39
N GLY A 54 12.86 1.11 -16.26
CA GLY A 54 13.34 2.47 -16.18
C GLY A 54 12.53 3.39 -17.05
N SER A 55 11.21 3.34 -16.88
CA SER A 55 10.30 4.04 -17.77
C SER A 55 9.08 4.46 -16.98
N PRO A 56 8.29 5.39 -17.50
CA PRO A 56 6.95 5.56 -16.97
C PRO A 56 6.18 4.27 -17.05
N ALA A 57 5.29 4.06 -16.09
CA ALA A 57 4.36 2.93 -16.13
C ALA A 57 3.09 3.44 -16.80
N ILE A 58 2.87 3.00 -18.03
CA ILE A 58 1.80 3.56 -18.85
CA ILE A 58 1.82 3.52 -18.90
C ILE A 58 0.56 2.67 -18.74
N ASN A 59 -0.60 3.30 -18.83
CA ASN A 59 -1.88 2.59 -18.84
CA ASN A 59 -1.87 2.60 -18.84
C ASN A 59 -2.13 1.86 -17.52
N VAL A 60 -1.69 2.42 -16.41
CA VAL A 60 -1.96 1.87 -15.10
C VAL A 60 -3.31 2.42 -14.64
N ALA A 61 -4.22 1.52 -14.30
CA ALA A 61 -5.51 1.94 -13.75
C ALA A 61 -5.36 2.37 -12.30
N VAL A 62 -6.06 3.43 -11.93
CA VAL A 62 -6.03 4.01 -10.59
C VAL A 62 -7.46 4.28 -10.18
N HIS A 63 -7.83 3.79 -8.99
CA HIS A 63 -9.15 4.04 -8.43
C HIS A 63 -8.98 4.76 -7.09
N VAL A 64 -9.72 5.84 -6.91
CA VAL A 64 -9.69 6.61 -5.69
C VAL A 64 -11.03 6.44 -4.98
N PHE A 65 -10.97 6.20 -3.68
CA PHE A 65 -12.13 6.06 -2.83
C PHE A 65 -12.03 7.07 -1.70
N ARG A 66 -13.18 7.39 -1.11
CA ARG A 66 -13.25 8.30 0.02
C ARG A 66 -14.11 7.65 1.08
N LYS A 67 -13.67 7.70 2.33
CA LYS A 67 -14.43 7.07 3.39
C LYS A 67 -15.73 7.83 3.64
N ALA A 68 -16.84 7.11 3.62
CA ALA A 68 -18.16 7.69 3.80
C ALA A 68 -18.50 7.76 5.28
N ALA A 69 -19.62 8.43 5.59
CA ALA A 69 -20.02 8.59 6.97
C ALA A 69 -20.31 7.27 7.64
N ASP A 70 -20.74 6.25 6.88
CA ASP A 70 -20.94 4.92 7.43
C ASP A 70 -19.67 4.09 7.45
N ASP A 71 -18.52 4.72 7.17
CA ASP A 71 -17.19 4.11 7.30
C ASP A 71 -16.88 3.12 6.18
N THR A 72 -17.67 3.11 5.10
CA THR A 72 -17.34 2.31 3.93
C THR A 72 -16.56 3.17 2.95
N TRP A 73 -15.90 2.51 2.00
CA TRP A 73 -15.12 3.19 0.97
C TRP A 73 -16.01 3.48 -0.21
N GLU A 74 -16.32 4.74 -0.42
CA GLU A 74 -17.17 5.10 -1.54
C GLU A 74 -16.31 5.47 -2.73
N PRO A 75 -16.71 5.08 -3.94
CA PRO A 75 -15.95 5.50 -5.12
C PRO A 75 -15.91 7.01 -5.21
N PHE A 76 -14.75 7.52 -5.59
CA PHE A 76 -14.52 8.96 -5.68
C PHE A 76 -14.09 9.39 -7.07
N ALA A 77 -13.11 8.72 -7.66
CA ALA A 77 -12.64 9.06 -9.00
C ALA A 77 -11.79 7.91 -9.50
N SER A 78 -11.58 7.85 -10.82
CA SER A 78 -10.67 6.85 -11.36
C SER A 78 -10.14 7.34 -12.71
N GLY A 79 -9.06 6.70 -13.15
CA GLY A 79 -8.47 7.02 -14.43
C GLY A 79 -7.31 6.09 -14.71
N LYS A 80 -6.54 6.41 -15.76
CA LYS A 80 -5.37 5.61 -16.07
C LYS A 80 -4.19 6.50 -16.43
N THR A 81 -2.99 6.02 -16.14
CA THR A 81 -1.83 6.83 -16.44
C THR A 81 -1.60 6.93 -17.95
N SER A 82 -1.08 8.07 -18.35
CA SER A 82 -0.76 8.38 -19.73
C SER A 82 0.62 7.82 -20.10
N GLU A 83 1.08 8.20 -21.29
CA GLU A 83 2.39 7.79 -21.78
C GLU A 83 3.53 8.35 -20.93
N SER A 84 3.28 9.40 -20.16
CA SER A 84 4.26 9.97 -19.23
C SER A 84 4.22 9.30 -17.87
N GLY A 85 3.32 8.34 -17.67
CA GLY A 85 3.15 7.75 -16.36
C GLY A 85 2.32 8.59 -15.42
N GLU A 86 1.72 9.67 -15.89
CA GLU A 86 0.99 10.59 -15.04
C GLU A 86 -0.50 10.49 -15.31
N LEU A 87 -1.27 10.70 -14.25
CA LEU A 87 -2.72 10.73 -14.31
C LEU A 87 -3.16 12.07 -13.76
N HIS A 88 -3.64 12.92 -14.65
CA HIS A 88 -4.17 14.24 -14.35
C HIS A 88 -5.68 14.22 -14.48
N GLY A 89 -6.32 15.22 -13.87
CA GLY A 89 -7.74 15.42 -14.05
C GLY A 89 -8.65 14.48 -13.27
N LEU A 90 -8.14 13.79 -12.25
CA LEU A 90 -9.00 12.90 -11.47
C LEU A 90 -10.16 13.66 -10.84
N THR A 91 -9.93 14.86 -10.33
CA THR A 91 -10.94 15.53 -9.54
C THR A 91 -10.78 17.04 -9.68
N THR A 92 -11.62 17.76 -8.95
CA THR A 92 -11.68 19.21 -9.02
C THR A 92 -11.52 19.76 -7.60
N GLU A 93 -11.20 21.04 -7.52
CA GLU A 93 -11.12 21.68 -6.22
C GLU A 93 -12.44 21.58 -5.47
N GLU A 94 -13.56 21.67 -6.19
CA GLU A 94 -14.85 21.60 -5.50
C GLU A 94 -15.11 20.21 -4.95
N GLU A 95 -14.81 19.18 -5.73
CA GLU A 95 -15.18 17.84 -5.31
C GLU A 95 -14.23 17.27 -4.26
N PHE A 96 -12.98 17.72 -4.25
CA PHE A 96 -11.94 17.14 -3.40
C PHE A 96 -11.95 17.79 -2.03
N VAL A 97 -12.96 17.41 -1.26
CA VAL A 97 -13.21 17.93 0.08
C VAL A 97 -12.32 17.23 1.10
N GLU A 98 -12.33 17.71 2.33
CA GLU A 98 -11.70 16.96 3.41
C GLU A 98 -12.21 15.54 3.43
N GLY A 99 -11.36 14.61 3.85
CA GLY A 99 -11.78 13.24 4.03
C GLY A 99 -10.58 12.34 4.13
N ILE A 100 -10.87 11.07 4.33
CA ILE A 100 -9.86 10.01 4.26
C ILE A 100 -10.02 9.37 2.89
N TYR A 101 -8.94 9.37 2.13
CA TYR A 101 -8.92 8.89 0.75
C TYR A 101 -8.03 7.67 0.65
N LYS A 102 -8.41 6.77 -0.26
CA LYS A 102 -7.63 5.59 -0.61
C LYS A 102 -7.38 5.64 -2.10
N VAL A 103 -6.11 5.67 -2.49
CA VAL A 103 -5.70 5.61 -3.89
C VAL A 103 -5.22 4.19 -4.14
N GLU A 104 -5.95 3.43 -4.95
CA GLU A 104 -5.62 2.06 -5.31
CA GLU A 104 -5.61 2.07 -5.30
C GLU A 104 -5.01 2.06 -6.70
N ILE A 105 -3.75 1.66 -6.80
CA ILE A 105 -3.04 1.61 -8.06
C ILE A 105 -3.00 0.16 -8.48
N ASP A 106 -3.55 -0.16 -9.67
CA ASP A 106 -3.78 -1.55 -10.06
CA ASP A 106 -3.77 -1.56 -10.05
C ASP A 106 -2.51 -2.15 -10.68
N THR A 107 -1.57 -2.44 -9.80
CA THR A 107 -0.26 -2.93 -10.21
C THR A 107 -0.33 -4.32 -10.80
N LYS A 108 -1.20 -5.19 -10.27
CA LYS A 108 -1.26 -6.54 -10.81
C LYS A 108 -1.71 -6.53 -12.27
N SER A 109 -2.74 -5.73 -12.58
CA SER A 109 -3.19 -5.65 -13.96
C SER A 109 -2.10 -5.09 -14.87
N TYR A 110 -1.32 -4.14 -14.37
CA TYR A 110 -0.21 -3.59 -15.13
C TYR A 110 0.81 -4.67 -15.48
N TRP A 111 1.28 -5.42 -14.48
CA TRP A 111 2.29 -6.44 -14.73
C TRP A 111 1.73 -7.55 -15.62
N LYS A 112 0.49 -7.95 -15.38
CA LYS A 112 -0.09 -9.02 -16.20
C LYS A 112 -0.15 -8.62 -17.66
N ALA A 113 -0.45 -7.35 -17.95
CA ALA A 113 -0.48 -6.88 -19.33
C ALA A 113 0.91 -6.92 -19.97
N LEU A 114 1.96 -6.90 -19.18
CA LEU A 114 3.32 -7.04 -19.65
C LEU A 114 3.78 -8.49 -19.64
N GLY A 115 2.90 -9.42 -19.29
CA GLY A 115 3.23 -10.82 -19.29
C GLY A 115 3.93 -11.31 -18.06
N ILE A 116 3.86 -10.57 -16.96
CA ILE A 116 4.58 -10.86 -15.72
C ILE A 116 3.56 -11.21 -14.64
N SER A 117 3.90 -12.20 -13.80
CA SER A 117 3.08 -12.58 -12.64
CA SER A 117 3.08 -12.56 -12.66
C SER A 117 3.63 -11.88 -11.42
N PRO A 118 2.98 -10.84 -10.91
CA PRO A 118 3.56 -10.11 -9.78
C PRO A 118 3.02 -10.59 -8.46
N PHE A 119 3.60 -10.06 -7.39
CA PHE A 119 3.24 -10.50 -6.05
C PHE A 119 1.99 -9.79 -5.51
N HIS A 120 1.95 -8.47 -5.63
CA HIS A 120 0.90 -7.68 -5.00
C HIS A 120 -0.33 -7.60 -5.90
N GLU A 121 -1.48 -7.41 -5.27
CA GLU A 121 -2.71 -7.16 -6.01
C GLU A 121 -2.76 -5.73 -6.50
N HIS A 122 -2.42 -4.79 -5.64
CA HIS A 122 -2.42 -3.38 -5.97
C HIS A 122 -1.52 -2.70 -4.96
N ALA A 123 -1.24 -1.43 -5.19
CA ALA A 123 -0.60 -0.59 -4.21
C ALA A 123 -1.69 0.31 -3.66
N GLU A 124 -1.72 0.49 -2.35
CA GLU A 124 -2.79 1.23 -1.71
C GLU A 124 -2.17 2.37 -0.92
N VAL A 125 -2.73 3.56 -1.09
CA VAL A 125 -2.22 4.75 -0.43
C VAL A 125 -3.40 5.39 0.28
N VAL A 126 -3.37 5.41 1.62
CA VAL A 126 -4.51 5.86 2.42
C VAL A 126 -4.06 7.05 3.27
N PHE A 127 -4.77 8.17 3.17
CA PHE A 127 -4.35 9.40 3.82
C PHE A 127 -5.55 10.31 4.05
N THR A 128 -5.44 11.14 5.09
CA THR A 128 -6.38 12.22 5.32
C THR A 128 -5.94 13.42 4.50
N ALA A 129 -6.86 13.99 3.72
CA ALA A 129 -6.58 15.11 2.85
C ALA A 129 -7.30 16.38 3.32
N ASN A 130 -6.62 17.50 3.11
CA ASN A 130 -7.20 18.83 3.24
C ASN A 130 -7.60 19.19 4.67
N ASP A 131 -7.03 18.53 5.69
CA ASP A 131 -7.53 18.75 7.05
C ASP A 131 -7.26 20.16 7.56
N SER A 132 -6.23 20.83 7.04
CA SER A 132 -5.93 22.22 7.37
C SER A 132 -6.08 23.10 6.13
N GLY A 133 -7.05 22.79 5.29
CA GLY A 133 -7.33 23.56 4.12
C GLY A 133 -6.84 22.85 2.87
N PRO A 134 -7.25 23.34 1.70
CA PRO A 134 -6.89 22.66 0.46
C PRO A 134 -5.39 22.55 0.28
N ARG A 135 -4.96 21.38 -0.15
CA ARG A 135 -3.60 21.17 -0.61
C ARG A 135 -3.64 20.47 -1.95
N ARG A 136 -2.50 20.52 -2.65
CA ARG A 136 -2.29 19.73 -3.85
C ARG A 136 -1.43 18.52 -3.52
N TYR A 137 -1.87 17.35 -3.95
CA TYR A 137 -1.23 16.09 -3.61
C TYR A 137 -0.77 15.42 -4.89
N THR A 138 0.51 15.05 -4.93
CA THR A 138 1.01 14.11 -5.93
C THR A 138 1.34 12.82 -5.22
N ILE A 139 0.68 11.75 -5.64
CA ILE A 139 0.93 10.41 -5.12
C ILE A 139 1.75 9.68 -6.18
N ALA A 140 2.97 9.32 -5.84
CA ALA A 140 3.87 8.66 -6.77
C ALA A 140 4.11 7.23 -6.31
N ALA A 141 4.30 6.34 -7.28
CA ALA A 141 4.62 4.96 -6.99
C ALA A 141 5.68 4.46 -7.96
N LEU A 142 6.57 3.63 -7.46
CA LEU A 142 7.65 3.02 -8.22
C LEU A 142 7.48 1.51 -8.09
N LEU A 143 7.32 0.82 -9.21
CA LEU A 143 6.88 -0.57 -9.23
C LEU A 143 7.97 -1.54 -9.66
N SER A 144 8.05 -2.65 -8.95
CA SER A 144 8.76 -3.86 -9.36
C SER A 144 7.83 -5.06 -9.14
N PRO A 145 8.15 -6.21 -9.71
CA PRO A 145 7.19 -7.33 -9.58
C PRO A 145 6.91 -7.77 -8.16
N TYR A 146 7.88 -7.69 -7.25
CA TYR A 146 7.70 -8.13 -5.87
C TYR A 146 7.83 -6.99 -4.87
N SER A 147 7.75 -5.73 -5.31
CA SER A 147 8.00 -4.61 -4.43
C SER A 147 7.42 -3.34 -5.02
N TYR A 148 7.06 -2.40 -4.15
CA TYR A 148 6.77 -1.05 -4.63
C TYR A 148 7.11 -0.05 -3.54
N SER A 149 7.30 1.17 -3.97
CA SER A 149 7.47 2.30 -3.07
C SER A 149 6.45 3.34 -3.46
N THR A 150 6.02 4.12 -2.48
CA THR A 150 5.11 5.22 -2.74
C THR A 150 5.52 6.42 -1.90
N THR A 151 5.38 7.60 -2.48
CA THR A 151 5.67 8.84 -1.77
C THR A 151 4.59 9.85 -2.09
N ALA A 152 4.40 10.79 -1.18
CA ALA A 152 3.47 11.88 -1.38
C ALA A 152 4.24 13.18 -1.38
N VAL A 153 3.92 14.03 -2.35
CA VAL A 153 4.39 15.41 -2.39
C VAL A 153 3.17 16.29 -2.21
N VAL A 154 3.18 17.09 -1.14
CA VAL A 154 2.03 17.89 -0.74
C VAL A 154 2.48 19.34 -0.79
N THR A 155 1.75 20.15 -1.54
CA THR A 155 2.09 21.56 -1.68
C THR A 155 0.86 22.43 -1.42
N ASN A 156 1.11 23.68 -1.10
CA ASN A 156 0.05 24.62 -0.83
C ASN A 156 -0.21 25.50 -2.06
N CYS B 42 6.03 -21.20 10.77
CA CYS B 42 5.82 -19.77 10.59
C CYS B 42 5.87 -19.38 9.11
N PRO B 43 4.77 -19.54 8.36
CA PRO B 43 4.82 -19.21 6.93
C PRO B 43 4.72 -17.73 6.59
N LEU B 44 4.40 -16.86 7.55
CA LEU B 44 4.21 -15.44 7.27
C LEU B 44 4.86 -14.64 8.39
N MET B 45 5.83 -13.80 8.06
CA MET B 45 6.48 -12.91 9.01
C MET B 45 6.42 -11.50 8.45
N VAL B 46 6.35 -10.51 9.35
CA VAL B 46 6.35 -9.11 8.94
C VAL B 46 7.53 -8.42 9.62
N LYS B 47 8.25 -7.60 8.86
CA LYS B 47 9.39 -6.85 9.37
C LYS B 47 9.25 -5.39 8.98
N VAL B 48 9.49 -4.49 9.92
CA VAL B 48 9.28 -3.08 9.71
C VAL B 48 10.50 -2.31 10.17
N LEU B 49 10.98 -1.41 9.31
CA LEU B 49 12.15 -0.58 9.57
C LEU B 49 11.79 0.90 9.46
N ASP B 50 12.56 1.72 10.15
CA ASP B 50 12.36 3.16 10.25
C ASP B 50 13.52 3.88 9.55
N ALA B 51 13.19 4.57 8.45
CA ALA B 51 14.16 5.26 7.61
C ALA B 51 14.61 6.60 8.16
N VAL B 52 13.90 7.13 9.15
CA VAL B 52 14.25 8.42 9.74
C VAL B 52 15.27 8.24 10.84
N ARG B 53 15.04 7.26 11.70
CA ARG B 53 15.90 6.99 12.85
C ARG B 53 16.94 5.93 12.59
N GLY B 54 16.82 5.21 11.48
CA GLY B 54 17.79 4.19 11.15
C GLY B 54 17.74 3.04 12.12
N SER B 55 16.56 2.50 12.33
CA SER B 55 16.35 1.52 13.39
C SER B 55 15.24 0.58 12.97
N PRO B 56 15.10 -0.55 13.64
CA PRO B 56 13.86 -1.28 13.53
C PRO B 56 12.71 -0.41 14.00
N ALA B 57 11.53 -0.65 13.44
CA ALA B 57 10.32 0.03 13.89
C ALA B 57 9.68 -0.87 14.94
N ILE B 58 9.81 -0.45 16.20
CA ILE B 58 9.45 -1.26 17.35
C ILE B 58 8.04 -0.93 17.81
N ASN B 59 7.29 -1.95 18.22
CA ASN B 59 5.97 -1.75 18.80
C ASN B 59 4.96 -1.18 17.79
N VAL B 60 5.11 -1.56 16.52
CA VAL B 60 4.17 -1.18 15.48
C VAL B 60 3.06 -2.23 15.45
N ALA B 61 1.80 -1.78 15.47
CA ALA B 61 0.68 -2.70 15.33
C ALA B 61 0.52 -3.11 13.87
N VAL B 62 0.30 -4.40 13.68
CA VAL B 62 0.16 -5.00 12.37
C VAL B 62 -1.09 -5.88 12.42
N HIS B 63 -1.96 -5.69 11.44
CA HIS B 63 -3.16 -6.52 11.31
C HIS B 63 -3.16 -7.19 9.95
N VAL B 64 -3.40 -8.49 9.94
CA VAL B 64 -3.53 -9.27 8.72
C VAL B 64 -4.99 -9.67 8.54
N PHE B 65 -5.48 -9.53 7.32
CA PHE B 65 -6.83 -9.89 6.95
C PHE B 65 -6.77 -10.82 5.75
N ARG B 66 -7.78 -11.68 5.65
CA ARG B 66 -7.94 -12.55 4.49
CA ARG B 66 -7.94 -12.54 4.48
C ARG B 66 -9.24 -12.17 3.79
N LYS B 67 -9.21 -12.12 2.48
CA LYS B 67 -10.38 -11.71 1.73
C LYS B 67 -11.41 -12.83 1.71
N ALA B 68 -12.63 -12.51 2.12
CA ALA B 68 -13.72 -13.46 2.18
C ALA B 68 -14.45 -13.53 0.84
N ALA B 69 -15.34 -14.52 0.72
CA ALA B 69 -16.04 -14.75 -0.54
C ALA B 69 -16.88 -13.55 -0.94
N ASP B 70 -17.42 -12.81 0.03
CA ASP B 70 -18.21 -11.62 -0.25
C ASP B 70 -17.37 -10.36 -0.43
N ASP B 71 -16.06 -10.51 -0.62
CA ASP B 71 -15.12 -9.42 -0.88
C ASP B 71 -14.82 -8.55 0.34
N THR B 72 -15.28 -8.95 1.52
CA THR B 72 -14.90 -8.23 2.73
C THR B 72 -13.58 -8.76 3.26
N TRP B 73 -12.97 -7.99 4.15
CA TRP B 73 -11.69 -8.36 4.76
C TRP B 73 -11.94 -8.94 6.14
N GLU B 74 -11.61 -10.22 6.31
CA GLU B 74 -11.82 -10.88 7.59
C GLU B 74 -10.55 -10.87 8.41
N PRO B 75 -10.59 -10.44 9.68
CA PRO B 75 -9.39 -10.56 10.52
C PRO B 75 -8.83 -11.98 10.51
N PHE B 76 -7.51 -12.05 10.38
CA PHE B 76 -6.77 -13.31 10.26
C PHE B 76 -5.68 -13.47 11.30
N ALA B 77 -4.92 -12.42 11.60
CA ALA B 77 -3.87 -12.47 12.60
C ALA B 77 -3.44 -11.04 12.88
N SER B 78 -2.80 -10.82 14.03
CA SER B 78 -2.28 -9.48 14.31
C SER B 78 -1.27 -9.56 15.45
N GLY B 79 -0.55 -8.46 15.64
CA GLY B 79 0.43 -8.40 16.71
C GLY B 79 1.15 -7.07 16.66
N LYS B 80 2.21 -6.96 17.46
CA LYS B 80 3.07 -5.79 17.47
C LYS B 80 4.50 -6.21 17.19
N THR B 81 5.22 -5.41 16.41
CA THR B 81 6.60 -5.74 16.15
C THR B 81 7.44 -5.68 17.41
N SER B 82 8.44 -6.56 17.45
CA SER B 82 9.40 -6.69 18.53
C SER B 82 10.48 -5.63 18.45
N GLU B 83 11.45 -5.72 19.36
CA GLU B 83 12.59 -4.81 19.36
C GLU B 83 13.44 -4.96 18.10
N SER B 84 13.33 -6.06 17.38
CA SER B 84 14.03 -6.21 16.10
C SER B 84 13.20 -5.74 14.92
N GLY B 85 12.02 -5.19 15.16
CA GLY B 85 11.13 -4.81 14.08
C GLY B 85 10.37 -5.94 13.46
N GLU B 86 10.46 -7.15 14.03
CA GLU B 86 9.88 -8.34 13.43
C GLU B 86 8.66 -8.77 14.20
N LEU B 87 7.73 -9.38 13.49
CA LEU B 87 6.53 -9.95 14.07
C LEU B 87 6.46 -11.38 13.60
N HIS B 88 6.77 -12.30 14.51
CA HIS B 88 6.78 -13.73 14.28
C HIS B 88 5.53 -14.38 14.87
N GLY B 89 5.25 -15.61 14.44
CA GLY B 89 4.19 -16.39 15.04
C GLY B 89 2.78 -15.96 14.68
N LEU B 90 2.62 -15.22 13.59
CA LEU B 90 1.29 -14.75 13.22
C LEU B 90 0.35 -15.89 12.88
N THR B 91 0.85 -16.94 12.25
CA THR B 91 -0.03 -17.99 11.76
C THR B 91 0.72 -19.31 11.72
N THR B 92 0.02 -20.33 11.28
CA THR B 92 0.59 -21.67 11.15
C THR B 92 0.40 -22.13 9.72
N GLU B 93 1.15 -23.17 9.35
CA GLU B 93 0.99 -23.73 8.02
C GLU B 93 -0.45 -24.14 7.76
N GLU B 94 -1.11 -24.74 8.77
CA GLU B 94 -2.48 -25.22 8.57
C GLU B 94 -3.45 -24.07 8.31
N GLU B 95 -3.26 -22.94 8.99
CA GLU B 95 -4.20 -21.82 8.86
C GLU B 95 -3.97 -21.00 7.59
N PHE B 96 -2.75 -20.96 7.08
CA PHE B 96 -2.39 -20.04 6.00
C PHE B 96 -2.60 -20.66 4.62
N VAL B 97 -3.84 -20.58 4.15
CA VAL B 97 -4.23 -21.17 2.88
C VAL B 97 -4.08 -20.14 1.76
N GLU B 98 -4.13 -20.62 0.53
CA GLU B 98 -4.12 -19.71 -0.60
C GLU B 98 -5.26 -18.72 -0.47
N GLY B 99 -5.04 -17.54 -0.99
CA GLY B 99 -6.06 -16.50 -0.97
C GLY B 99 -5.39 -15.15 -1.09
N ILE B 100 -6.20 -14.12 -0.96
CA ILE B 100 -5.73 -12.76 -0.99
C ILE B 100 -5.68 -12.27 0.45
N TYR B 101 -4.55 -11.71 0.83
CA TYR B 101 -4.31 -11.22 2.18
C TYR B 101 -3.97 -9.74 2.14
N LYS B 102 -4.33 -9.05 3.21
CA LYS B 102 -3.98 -7.66 3.39
C LYS B 102 -3.22 -7.53 4.71
N VAL B 103 -2.04 -6.93 4.67
CA VAL B 103 -1.27 -6.60 5.86
C VAL B 103 -1.38 -5.09 6.05
N GLU B 104 -2.00 -4.68 7.14
CA GLU B 104 -2.16 -3.27 7.49
C GLU B 104 -1.18 -2.95 8.61
N ILE B 105 -0.28 -2.03 8.36
CA ILE B 105 0.74 -1.61 9.31
C ILE B 105 0.33 -0.23 9.82
N ASP B 106 0.16 -0.09 11.14
CA ASP B 106 -0.36 1.16 11.71
C ASP B 106 0.76 2.18 11.88
N THR B 107 1.12 2.75 10.74
CA THR B 107 2.23 3.68 10.68
C THR B 107 1.89 5.01 11.35
N LYS B 108 0.63 5.46 11.27
CA LYS B 108 0.31 6.75 11.84
C LYS B 108 0.56 6.76 13.35
N SER B 109 0.11 5.70 14.03
CA SER B 109 0.34 5.60 15.46
C SER B 109 1.81 5.47 15.81
N TYR B 110 2.57 4.78 14.98
CA TYR B 110 4.01 4.66 15.18
C TYR B 110 4.67 6.03 15.17
N TRP B 111 4.42 6.81 14.11
CA TRP B 111 5.04 8.13 14.00
C TRP B 111 4.59 9.04 15.12
N LYS B 112 3.30 8.98 15.48
CA LYS B 112 2.83 9.82 16.56
C LYS B 112 3.51 9.50 17.88
N ALA B 113 3.79 8.23 18.14
CA ALA B 113 4.47 7.87 19.38
C ALA B 113 5.90 8.41 19.41
N LEU B 114 6.50 8.65 18.25
CA LEU B 114 7.84 9.22 18.15
C LEU B 114 7.83 10.74 18.02
N GLY B 115 6.65 11.37 17.99
CA GLY B 115 6.59 12.80 17.88
C GLY B 115 6.81 13.35 16.48
N ILE B 116 6.57 12.54 15.45
CA ILE B 116 6.86 12.91 14.07
C ILE B 116 5.55 12.95 13.29
N SER B 117 5.37 13.98 12.47
CA SER B 117 4.12 14.19 11.76
C SER B 117 4.02 13.28 10.52
N PRO B 118 3.02 12.39 10.44
CA PRO B 118 2.91 11.46 9.33
C PRO B 118 1.90 11.82 8.27
N PHE B 119 2.06 11.25 7.08
CA PHE B 119 1.11 11.44 5.99
C PHE B 119 0.02 10.37 5.95
N HIS B 120 0.41 9.11 5.97
CA HIS B 120 -0.53 8.03 5.73
C HIS B 120 -1.31 7.67 6.98
N GLU B 121 -2.52 7.13 6.78
CA GLU B 121 -3.23 6.50 7.89
C GLU B 121 -2.57 5.20 8.31
N HIS B 122 -2.14 4.43 7.34
CA HIS B 122 -1.49 3.14 7.56
C HIS B 122 -0.81 2.79 6.26
N ALA B 123 0.02 1.76 6.29
CA ALA B 123 0.57 1.17 5.09
C ALA B 123 -0.17 -0.14 4.88
N GLU B 124 -0.63 -0.39 3.65
CA GLU B 124 -1.44 -1.56 3.32
C GLU B 124 -0.75 -2.36 2.23
N VAL B 125 -0.50 -3.64 2.50
CA VAL B 125 0.17 -4.52 1.56
C VAL B 125 -0.79 -5.65 1.24
N VAL B 126 -1.22 -5.73 -0.04
CA VAL B 126 -2.25 -6.67 -0.45
C VAL B 126 -1.63 -7.61 -1.48
N PHE B 127 -1.72 -8.91 -1.23
CA PHE B 127 -1.01 -9.88 -2.07
C PHE B 127 -1.77 -11.19 -2.10
N THR B 128 -1.42 -12.02 -3.09
CA THR B 128 -1.96 -13.36 -3.20
C THR B 128 -0.95 -14.36 -2.69
N ALA B 129 -1.41 -15.24 -1.80
CA ALA B 129 -0.65 -16.41 -1.43
C ALA B 129 -0.97 -17.53 -2.41
N ASN B 130 0.06 -18.10 -3.01
CA ASN B 130 -0.07 -19.15 -4.02
C ASN B 130 0.83 -20.31 -3.62
N ASP B 131 0.26 -21.52 -3.60
CA ASP B 131 0.99 -22.73 -3.21
C ASP B 131 1.79 -23.23 -4.41
N SER B 132 3.01 -22.73 -4.55
CA SER B 132 3.94 -23.20 -5.57
C SER B 132 5.12 -23.82 -4.83
N GLY B 133 4.92 -25.06 -4.39
CA GLY B 133 5.90 -25.72 -3.54
C GLY B 133 6.00 -25.05 -2.18
N PRO B 134 6.98 -25.50 -1.38
CA PRO B 134 7.12 -24.97 -0.02
C PRO B 134 7.58 -23.52 -0.05
N ARG B 135 6.92 -22.67 0.72
CA ARG B 135 7.21 -21.25 0.69
C ARG B 135 7.01 -20.62 2.06
N ARG B 136 7.91 -19.72 2.40
CA ARG B 136 7.76 -18.84 3.55
C ARG B 136 7.80 -17.41 3.03
N TYR B 137 6.91 -16.58 3.56
CA TYR B 137 6.73 -15.20 3.12
C TYR B 137 7.19 -14.24 4.22
N THR B 138 8.07 -13.31 3.88
CA THR B 138 8.35 -12.15 4.71
C THR B 138 7.83 -10.93 3.98
N ILE B 139 6.95 -10.20 4.64
CA ILE B 139 6.47 -8.91 4.16
C ILE B 139 7.27 -7.87 4.91
N ALA B 140 8.08 -7.10 4.20
CA ALA B 140 8.93 -6.10 4.81
C ALA B 140 8.52 -4.71 4.36
N ALA B 141 8.61 -3.76 5.28
CA ALA B 141 8.30 -2.37 4.96
C ALA B 141 9.33 -1.46 5.58
N LEU B 142 9.71 -0.43 4.83
CA LEU B 142 10.62 0.62 5.25
C LEU B 142 9.82 1.91 5.28
N LEU B 143 9.73 2.53 6.47
CA LEU B 143 8.83 3.64 6.71
C LEU B 143 9.54 4.98 6.76
N SER B 144 8.95 5.96 6.10
CA SER B 144 9.25 7.38 6.29
C SER B 144 7.95 8.12 6.50
N PRO B 145 8.01 9.36 6.95
CA PRO B 145 6.75 10.05 7.28
C PRO B 145 5.83 10.25 6.09
N TYR B 146 6.37 10.53 4.90
CA TYR B 146 5.58 10.77 3.70
C TYR B 146 5.82 9.73 2.63
N SER B 147 6.40 8.58 2.97
CA SER B 147 6.71 7.55 1.98
CA SER B 147 6.68 7.55 1.98
C SER B 147 6.84 6.21 2.67
N TYR B 148 6.53 5.14 1.95
CA TYR B 148 6.95 3.83 2.43
C TYR B 148 7.29 2.95 1.25
N SER B 149 8.12 1.96 1.52
CA SER B 149 8.54 0.97 0.54
CA SER B 149 8.56 0.97 0.55
C SER B 149 8.25 -0.40 1.12
N THR B 150 7.84 -1.32 0.27
CA THR B 150 7.56 -2.66 0.75
C THR B 150 8.09 -3.67 -0.26
N THR B 151 8.56 -4.80 0.25
CA THR B 151 8.99 -5.89 -0.61
C THR B 151 8.55 -7.20 0.02
N ALA B 152 8.54 -8.24 -0.80
CA ALA B 152 8.26 -9.58 -0.35
C ALA B 152 9.52 -10.39 -0.52
N VAL B 153 9.86 -11.15 0.50
CA VAL B 153 10.97 -12.08 0.45
C VAL B 153 10.33 -13.46 0.61
N VAL B 154 10.30 -14.23 -0.47
CA VAL B 154 9.59 -15.51 -0.51
C VAL B 154 10.62 -16.57 -0.77
N THR B 155 10.77 -17.49 0.19
CA THR B 155 11.83 -18.48 0.13
C THR B 155 11.25 -19.87 0.40
N ASN B 156 12.07 -20.87 0.11
CA ASN B 156 11.66 -22.26 0.25
C ASN B 156 12.07 -22.79 1.62
CA CA C . -10.25 19.95 9.40
CAD J5R D . 8.04 12.85 -9.58
CAE J5R D . 10.59 7.97 -6.39
CAF J5R D . 9.23 8.09 -6.11
CAG J5R D . 11.32 7.00 -5.67
CAH J5R D . 8.62 7.29 -5.15
CAI J5R D . 10.70 6.21 -4.72
CAJ J5R D . 9.36 6.34 -4.43
CAK J5R D . 10.38 9.79 -7.93
CAL J5R D . 9.03 9.91 -7.62
CAM J5R D . 11.16 8.77 -7.37
CAO J5R D . 10.17 11.71 -9.36
CAP J5R D . 8.82 11.83 -9.04
CAQ J5R D . 10.94 10.70 -8.80
CAR J5R D . 8.25 10.92 -8.16
OAA J5R D . 12.33 8.62 -7.76
OAC J5R D . 6.97 13.17 -9.03
OAN J5R D . 8.48 9.01 -6.77
OAS J5R D . 8.42 13.46 -10.60
CLA J5R D . 12.99 6.75 -5.89
CA CA E . -2.62 -21.81 -7.10
CAD J5R F . 14.95 -8.04 6.16
CAE J5R F . 14.29 -2.76 2.69
CAF J5R F . 13.07 -3.43 2.82
CAG J5R F . 14.32 -1.64 1.83
CAH J5R F . 11.91 -3.02 2.17
CAI J5R F . 13.15 -1.25 1.18
CAJ J5R F . 11.93 -1.92 1.34
CAK J5R F . 15.30 -4.41 4.13
CAL J5R F . 14.08 -5.08 4.20
CAM J5R F . 15.40 -3.22 3.43
CAO J5R F . 16.29 -6.18 5.43
CAP J5R F . 15.07 -6.83 5.50
CAQ J5R F . 16.40 -4.96 4.75
CAR J5R F . 13.96 -6.28 4.88
OAA J5R F . 16.44 -2.56 3.53
OAC J5R F . 15.81 -8.39 7.00
OAN J5R F . 12.99 -4.53 3.62
OAS J5R F . 14.01 -8.81 5.86
CLA J5R F . 15.76 -0.72 1.52
#